data_7DQS
#
_entry.id   7DQS
#
_cell.length_a   61.245
_cell.length_b   67.918
_cell.length_c   102.367
_cell.angle_alpha   90.00
_cell.angle_beta   90.00
_cell.angle_gamma   90.00
#
_symmetry.space_group_name_H-M   'P 21 21 21'
#
loop_
_entity.id
_entity.type
_entity.pdbx_description
1 polymer 'DNA gyrase subunit B'
2 non-polymer 1H-benzimidazol-2-amine
3 non-polymer 2-CHLOROPHENOL
4 non-polymer 'PHOSPHATE ION'
5 water water
#
_entity_poly.entity_id   1
_entity_poly.type   'polypeptide(L)'
_entity_poly.pdbx_seq_one_letter_code
;LDAVRKRPGMYIGDTDDGTGLHHMVFEVVDNAIDEALAGHCKEIIVTIHADNSVSVQDDGRGIPTGIHPEEGVSAAEVIM
TVLHAGGKFDDNSYKVSGGLHGVGVSVVNALSQKLELVIQREGKIHRQIYEHGVPQAPLAVTGETEKTGTMVRFWPSLET
FTNVTEFEYEILAKRLRELSFLNSGVSIRLRDKRDGKEDHFHYEGG
;
_entity_poly.pdbx_strand_id   A,B
#
loop_
_chem_comp.id
_chem_comp.type
_chem_comp.name
_chem_comp.formula
2CH non-polymer 2-CHLOROPHENOL 'C6 H5 Cl O'
AX7 non-polymer 1H-benzimidazol-2-amine 'C7 H7 N3'
PO4 non-polymer 'PHOSPHATE ION' 'O4 P -3'
#
# COMPACT_ATOMS: atom_id res chain seq x y z
N LEU A 1 -8.66 2.62 0.31
CA LEU A 1 -8.25 1.51 -0.60
C LEU A 1 -7.68 0.26 0.09
N ASP A 2 -7.35 0.35 1.38
CA ASP A 2 -6.79 -0.81 2.10
C ASP A 2 -7.73 -2.03 2.16
N ALA A 3 -9.05 -1.78 2.16
CA ALA A 3 -10.03 -2.87 2.07
C ALA A 3 -9.87 -3.68 0.77
N VAL A 4 -9.58 -2.98 -0.33
CA VAL A 4 -9.32 -3.62 -1.62
C VAL A 4 -7.99 -4.37 -1.62
N ARG A 5 -6.94 -3.72 -1.10
CA ARG A 5 -5.61 -4.33 -1.02
C ARG A 5 -5.60 -5.58 -0.13
N LYS A 6 -6.41 -5.56 0.92
CA LYS A 6 -6.51 -6.66 1.87
C LYS A 6 -7.13 -7.93 1.27
N ARG A 7 -8.14 -7.77 0.43
CA ARG A 7 -8.84 -8.90 -0.21
C ARG A 7 -9.11 -8.60 -1.69
N PRO A 8 -8.04 -8.56 -2.53
CA PRO A 8 -8.18 -8.21 -3.95
C PRO A 8 -9.19 -9.08 -4.71
N GLY A 9 -9.18 -10.38 -4.43
CA GLY A 9 -10.10 -11.34 -5.07
C GLY A 9 -11.58 -11.03 -4.94
N MET A 10 -11.98 -10.46 -3.81
CA MET A 10 -13.39 -10.11 -3.56
C MET A 10 -13.88 -8.91 -4.38
N TYR A 11 -12.96 -8.07 -4.87
CA TYR A 11 -13.31 -6.89 -5.66
C TYR A 11 -13.12 -7.10 -7.17
N ILE A 12 -11.98 -7.66 -7.56
CA ILE A 12 -11.63 -7.81 -8.99
C ILE A 12 -11.89 -9.22 -9.55
N GLY A 13 -11.92 -10.23 -8.68
CA GLY A 13 -12.05 -11.64 -9.10
C GLY A 13 -10.74 -12.38 -8.92
N ASP A 14 -10.73 -13.65 -9.33
CA ASP A 14 -9.59 -14.55 -9.08
C ASP A 14 -8.27 -14.00 -9.64
N THR A 15 -7.30 -13.80 -8.75
CA THR A 15 -6.01 -13.19 -9.11
C THR A 15 -4.93 -14.20 -9.54
N ASP A 16 -5.27 -15.49 -9.66
CA ASP A 16 -4.34 -16.53 -10.10
C ASP A 16 -4.59 -17.05 -11.52
N ASP A 17 -5.85 -17.27 -11.88
CA ASP A 17 -6.19 -17.88 -13.19
C ASP A 17 -6.32 -16.91 -14.38
N GLY A 18 -6.07 -15.62 -14.16
CA GLY A 18 -6.18 -14.61 -15.22
C GLY A 18 -7.52 -13.91 -15.31
N THR A 19 -8.50 -14.34 -14.51
CA THR A 19 -9.85 -13.77 -14.51
C THR A 19 -9.83 -12.33 -14.01
N GLY A 20 -9.27 -12.14 -12.81
CA GLY A 20 -9.11 -10.82 -12.21
C GLY A 20 -8.27 -9.87 -13.05
N LEU A 21 -7.19 -10.38 -13.63
CA LEU A 21 -6.28 -9.59 -14.47
C LEU A 21 -7.01 -8.89 -15.61
N HIS A 22 -7.86 -9.63 -16.31
CA HIS A 22 -8.62 -9.09 -17.44
C HIS A 22 -9.79 -8.21 -17.01
N HIS A 23 -10.38 -8.53 -15.85
CA HIS A 23 -11.42 -7.67 -15.25
C HIS A 23 -10.91 -6.25 -14.95
N MET A 24 -9.61 -6.11 -14.71
CA MET A 24 -8.98 -4.79 -14.51
C MET A 24 -9.19 -3.91 -15.74
N VAL A 25 -9.00 -4.49 -16.93
CA VAL A 25 -9.24 -3.79 -18.19
C VAL A 25 -10.72 -3.44 -18.35
N PHE A 26 -11.59 -4.41 -18.09
CA PHE A 26 -13.03 -4.22 -18.29
C PHE A 26 -13.62 -3.16 -17.36
N GLU A 27 -13.09 -3.05 -16.16
CA GLU A 27 -13.53 -2.02 -15.21
C GLU A 27 -13.21 -0.61 -15.72
N VAL A 28 -12.02 -0.44 -16.30
CA VAL A 28 -11.61 0.85 -16.86
C VAL A 28 -12.47 1.16 -18.09
N VAL A 29 -12.67 0.16 -18.94
CA VAL A 29 -13.48 0.31 -20.16
C VAL A 29 -14.94 0.68 -19.83
N ASP A 30 -15.50 0.10 -18.77
CA ASP A 30 -16.87 0.45 -18.32
C ASP A 30 -17.05 1.95 -18.03
N ASN A 31 -16.04 2.53 -17.41
CA ASN A 31 -16.05 3.93 -17.09
C ASN A 31 -15.88 4.76 -18.35
N ALA A 32 -15.01 4.33 -19.25
CA ALA A 32 -14.77 5.00 -20.48
C ALA A 32 -16.00 4.96 -21.33
N ILE A 33 -16.70 3.83 -21.34
CA ILE A 33 -17.91 3.71 -22.14
C ILE A 33 -18.99 4.56 -21.54
N ASP A 34 -19.12 4.51 -20.21
CA ASP A 34 -20.10 5.27 -19.47
C ASP A 34 -20.03 6.70 -19.84
N GLU A 35 -18.83 7.23 -19.74
CA GLU A 35 -18.50 8.54 -20.13
C GLU A 35 -18.98 8.66 -21.54
N ALA A 36 -18.45 7.84 -22.44
CA ALA A 36 -18.63 8.06 -23.89
C ALA A 36 -20.07 7.90 -24.40
N LEU A 37 -20.90 7.20 -23.64
CA LEU A 37 -22.31 6.97 -23.95
C LEU A 37 -23.22 8.12 -23.45
N ALA A 38 -22.60 9.11 -22.82
CA ALA A 38 -23.23 10.34 -22.41
C ALA A 38 -23.02 11.41 -23.52
N GLY A 39 -22.31 11.03 -24.58
CA GLY A 39 -22.03 11.84 -25.73
C GLY A 39 -22.51 11.10 -26.95
N HIS A 40 -21.90 11.36 -28.10
CA HIS A 40 -22.32 10.73 -29.35
C HIS A 40 -21.29 9.94 -30.12
N CYS A 41 -20.64 10.57 -31.10
CA CYS A 41 -19.71 9.79 -31.92
C CYS A 41 -18.33 9.67 -31.24
N LYS A 42 -18.31 8.97 -30.11
CA LYS A 42 -17.07 8.77 -29.34
C LYS A 42 -16.42 7.43 -29.70
N GLU A 43 -15.10 7.38 -29.49
CA GLU A 43 -14.29 6.19 -29.76
C GLU A 43 -13.45 5.89 -28.51
N ILE A 44 -13.28 4.59 -28.23
CA ILE A 44 -12.42 4.12 -27.16
C ILE A 44 -11.31 3.28 -27.79
N ILE A 45 -10.07 3.51 -27.38
CA ILE A 45 -8.91 2.73 -27.86
C ILE A 45 -8.29 1.99 -26.68
N VAL A 46 -8.31 0.66 -26.73
CA VAL A 46 -7.66 -0.19 -25.74
C VAL A 46 -6.38 -0.73 -26.35
N THR A 47 -5.24 -0.48 -25.71
CA THR A 47 -3.93 -0.88 -26.24
C THR A 47 -3.19 -1.75 -25.23
N ILE A 48 -2.75 -2.93 -25.68
CA ILE A 48 -1.88 -3.80 -24.91
C ILE A 48 -0.44 -3.42 -25.28
N HIS A 49 0.32 -2.93 -24.30
CA HIS A 49 1.68 -2.47 -24.53
C HIS A 49 2.68 -3.62 -24.34
N ALA A 50 3.88 -3.43 -24.88
CA ALA A 50 4.94 -4.45 -24.83
C ALA A 50 5.40 -4.76 -23.41
N ASP A 51 5.36 -3.76 -22.54
CA ASP A 51 5.76 -3.91 -21.12
C ASP A 51 4.65 -4.45 -20.19
N ASN A 52 3.62 -5.07 -20.77
CA ASN A 52 2.54 -5.72 -20.02
C ASN A 52 1.62 -4.74 -19.26
N SER A 53 1.50 -3.51 -19.78
CA SER A 53 0.51 -2.55 -19.31
C SER A 53 -0.60 -2.45 -20.34
N VAL A 54 -1.75 -1.95 -19.90
CA VAL A 54 -2.88 -1.68 -20.80
C VAL A 54 -3.31 -0.23 -20.61
N SER A 55 -3.56 0.46 -21.73
CA SER A 55 -4.09 1.82 -21.71
C SER A 55 -5.47 1.86 -22.34
N VAL A 56 -6.36 2.67 -21.77
CA VAL A 56 -7.69 2.89 -22.31
C VAL A 56 -7.83 4.39 -22.53
N GLN A 57 -8.01 4.80 -23.79
CA GLN A 57 -8.21 6.20 -24.17
C GLN A 57 -9.65 6.38 -24.62
N ASP A 58 -10.22 7.52 -24.25
CA ASP A 58 -11.50 7.93 -24.77
C ASP A 58 -11.45 9.39 -25.23
N ASP A 59 -12.38 9.77 -26.07
CA ASP A 59 -12.47 11.11 -26.53
C ASP A 59 -13.70 11.82 -26.01
N GLY A 60 -14.02 11.54 -24.76
CA GLY A 60 -15.11 12.15 -24.05
C GLY A 60 -14.79 13.51 -23.46
N ARG A 61 -15.56 13.97 -22.50
CA ARG A 61 -15.34 15.30 -21.96
C ARG A 61 -14.19 15.42 -20.98
N GLY A 62 -13.67 14.30 -20.51
CA GLY A 62 -12.64 14.27 -19.52
C GLY A 62 -13.21 14.21 -18.12
N ILE A 63 -12.57 13.48 -17.25
CA ILE A 63 -12.99 13.40 -15.87
C ILE A 63 -12.84 14.79 -15.23
N PRO A 64 -13.81 15.22 -14.42
CA PRO A 64 -13.70 16.53 -13.76
C PRO A 64 -12.39 16.70 -12.99
N THR A 65 -11.72 17.84 -13.21
CA THR A 65 -10.40 18.12 -12.66
C THR A 65 -10.41 19.06 -11.45
N GLY A 66 -11.50 19.81 -11.27
CA GLY A 66 -11.61 20.78 -10.17
C GLY A 66 -11.58 20.15 -8.80
N ILE A 67 -11.25 20.97 -7.80
CA ILE A 67 -11.09 20.50 -6.43
C ILE A 67 -12.46 20.11 -5.85
N HIS A 68 -12.52 18.91 -5.28
CA HIS A 68 -13.74 18.39 -4.66
C HIS A 68 -13.95 19.14 -3.33
N PRO A 69 -15.10 19.82 -3.16
CA PRO A 69 -15.29 20.71 -2.00
C PRO A 69 -15.22 20.03 -0.63
N GLU A 70 -15.60 18.75 -0.56
CA GLU A 70 -15.54 17.98 0.69
C GLU A 70 -14.16 17.37 0.96
N GLU A 71 -13.56 16.78 -0.08
CA GLU A 71 -12.32 15.99 0.07
C GLU A 71 -11.05 16.82 0.03
N GLY A 72 -11.10 17.99 -0.61
CA GLY A 72 -9.96 18.90 -0.66
C GLY A 72 -8.87 18.54 -1.65
N VAL A 73 -9.16 17.62 -2.58
CA VAL A 73 -8.26 17.26 -3.67
C VAL A 73 -9.08 17.21 -4.95
N SER A 74 -8.42 17.06 -6.10
CA SER A 74 -9.11 17.03 -7.39
C SER A 74 -10.17 15.94 -7.42
N ALA A 75 -11.29 16.23 -8.08
CA ALA A 75 -12.38 15.25 -8.24
C ALA A 75 -11.90 13.96 -8.89
N ALA A 76 -10.94 14.08 -9.81
CA ALA A 76 -10.28 12.93 -10.43
C ALA A 76 -9.57 12.05 -9.41
N GLU A 77 -8.84 12.66 -8.48
CA GLU A 77 -8.17 11.90 -7.41
C GLU A 77 -9.17 11.18 -6.49
N VAL A 78 -10.30 11.84 -6.22
CA VAL A 78 -11.37 11.23 -5.41
C VAL A 78 -11.90 9.97 -6.12
N ILE A 79 -12.11 10.07 -7.43
CA ILE A 79 -12.54 8.93 -8.26
C ILE A 79 -11.53 7.78 -8.23
N MET A 80 -10.23 8.12 -8.28
CA MET A 80 -9.16 7.12 -8.27
C MET A 80 -8.82 6.53 -6.90
N THR A 81 -9.22 7.18 -5.81
CA THR A 81 -8.82 6.77 -4.45
C THR A 81 -9.94 6.45 -3.45
N VAL A 82 -11.20 6.61 -3.85
CA VAL A 82 -12.36 6.36 -2.96
C VAL A 82 -13.29 5.33 -3.59
N LEU A 83 -13.75 4.37 -2.78
CA LEU A 83 -14.69 3.34 -3.23
C LEU A 83 -16.10 3.92 -3.43
N VAL A 103 -17.58 -1.94 -9.74
CA VAL A 103 -16.67 -1.72 -8.62
C VAL A 103 -15.90 -0.40 -8.71
N GLY A 104 -15.51 0.03 -9.89
CA GLY A 104 -14.84 1.29 -10.00
C GLY A 104 -13.38 1.24 -10.37
N VAL A 105 -12.86 2.35 -10.92
CA VAL A 105 -11.46 2.43 -11.28
C VAL A 105 -10.55 2.55 -10.06
N SER A 106 -11.08 2.94 -8.92
CA SER A 106 -10.28 2.96 -7.71
C SER A 106 -9.73 1.57 -7.39
N VAL A 107 -10.51 0.52 -7.58
CA VAL A 107 -10.07 -0.84 -7.40
C VAL A 107 -8.89 -1.15 -8.31
N VAL A 108 -8.98 -0.75 -9.55
CA VAL A 108 -7.93 -0.97 -10.51
C VAL A 108 -6.66 -0.22 -10.12
N ASN A 109 -6.82 0.97 -9.59
CA ASN A 109 -5.72 1.79 -9.14
C ASN A 109 -5.05 1.12 -7.95
N ALA A 110 -5.84 0.69 -7.00
CA ALA A 110 -5.33 0.01 -5.79
C ALA A 110 -4.49 -1.24 -6.11
N LEU A 111 -4.86 -1.97 -7.17
CA LEU A 111 -4.18 -3.21 -7.55
C LEU A 111 -3.20 -3.05 -8.73
N SER A 112 -2.82 -1.81 -9.03
CA SER A 112 -1.84 -1.51 -10.08
C SER A 112 -0.57 -0.95 -9.45
N GLN A 113 0.57 -1.60 -9.70
CA GLN A 113 1.86 -1.10 -9.22
C GLN A 113 2.19 0.31 -9.76
N LYS A 114 1.70 0.62 -10.96
CA LYS A 114 1.76 1.98 -11.51
C LYS A 114 0.48 2.27 -12.29
N LEU A 115 0.02 3.52 -12.24
CA LEU A 115 -1.12 3.98 -13.04
C LEU A 115 -0.89 5.43 -13.46
N GLU A 116 -1.00 5.69 -14.77
CA GLU A 116 -0.87 7.02 -15.34
C GLU A 116 -2.26 7.51 -15.74
N LEU A 117 -2.61 8.72 -15.30
CA LEU A 117 -3.88 9.36 -15.64
C LEU A 117 -3.59 10.62 -16.45
N VAL A 118 -4.21 10.74 -17.62
CA VAL A 118 -4.09 11.93 -18.46
C VAL A 118 -5.47 12.40 -18.88
N ILE A 119 -5.83 13.62 -18.45
CA ILE A 119 -7.15 14.19 -18.73
C ILE A 119 -7.01 15.46 -19.56
N GLN A 120 -7.68 15.48 -20.72
CA GLN A 120 -7.74 16.66 -21.58
C GLN A 120 -9.14 17.27 -21.40
N ARG A 121 -9.18 18.49 -20.86
CA ARG A 121 -10.44 19.13 -20.48
C ARG A 121 -10.26 20.64 -20.34
N GLU A 122 -11.23 21.40 -20.85
CA GLU A 122 -11.24 22.87 -20.76
C GLU A 122 -9.94 23.52 -21.27
N GLY A 123 -9.44 23.02 -22.39
CA GLY A 123 -8.24 23.55 -23.04
C GLY A 123 -6.89 23.19 -22.41
N LYS A 124 -6.89 22.27 -21.45
CA LYS A 124 -5.68 21.95 -20.66
C LYS A 124 -5.46 20.44 -20.55
N ILE A 125 -4.19 20.03 -20.57
CA ILE A 125 -3.79 18.65 -20.33
C ILE A 125 -3.42 18.53 -18.86
N HIS A 126 -4.02 17.56 -18.17
CA HIS A 126 -3.75 17.28 -16.76
C HIS A 126 -3.13 15.90 -16.63
N ARG A 127 -2.13 15.77 -15.75
CA ARG A 127 -1.45 14.49 -15.53
C ARG A 127 -1.32 14.18 -14.05
N GLN A 128 -1.41 12.88 -13.73
CA GLN A 128 -1.14 12.38 -12.39
C GLN A 128 -0.66 10.95 -12.45
N ILE A 129 0.28 10.60 -11.57
CA ILE A 129 0.83 9.25 -11.47
C ILE A 129 0.48 8.68 -10.10
N TYR A 130 0.12 7.40 -10.10
CA TYR A 130 -0.15 6.63 -8.88
C TYR A 130 0.76 5.43 -8.83
N GLU A 131 1.08 4.98 -7.61
CA GLU A 131 1.78 3.72 -7.38
C GLU A 131 1.06 2.96 -6.28
N HIS A 132 0.52 1.78 -6.62
CA HIS A 132 -0.32 0.99 -5.70
C HIS A 132 -1.47 1.80 -5.09
N GLY A 133 -2.06 2.67 -5.91
CA GLY A 133 -3.17 3.53 -5.47
C GLY A 133 -2.80 4.83 -4.76
N VAL A 134 -1.50 5.05 -4.52
CA VAL A 134 -1.02 6.23 -3.79
C VAL A 134 -0.60 7.29 -4.81
N PRO A 135 -1.26 8.48 -4.79
CA PRO A 135 -0.84 9.54 -5.72
C PRO A 135 0.57 10.04 -5.40
N GLN A 136 1.40 10.17 -6.43
CA GLN A 136 2.78 10.65 -6.26
C GLN A 136 2.85 12.17 -6.17
N ALA A 137 1.92 12.85 -6.84
CA ALA A 137 1.74 14.30 -6.70
C ALA A 137 0.29 14.66 -7.01
N PRO A 138 -0.13 15.91 -6.71
CA PRO A 138 -1.48 16.33 -7.09
C PRO A 138 -1.67 16.39 -8.61
N LEU A 139 -2.90 16.18 -9.07
CA LEU A 139 -3.26 16.38 -10.48
C LEU A 139 -2.77 17.76 -10.92
N ALA A 140 -1.98 17.80 -11.99
CA ALA A 140 -1.27 19.01 -12.39
C ALA A 140 -1.46 19.30 -13.88
N VAL A 141 -1.62 20.58 -14.21
CA VAL A 141 -1.72 21.04 -15.59
C VAL A 141 -0.33 21.00 -16.22
N THR A 142 -0.18 20.27 -17.34
CA THR A 142 1.11 20.07 -18.00
C THR A 142 1.20 20.67 -19.42
N GLY A 143 0.12 21.27 -19.91
CA GLY A 143 0.12 21.84 -21.26
C GLY A 143 -1.26 22.25 -21.73
N GLU A 144 -1.31 22.71 -22.98
CA GLU A 144 -2.55 23.11 -23.64
C GLU A 144 -2.95 22.08 -24.69
N THR A 145 -4.24 22.07 -25.01
CA THR A 145 -4.79 21.15 -26.01
C THR A 145 -6.15 21.60 -26.53
N GLU A 146 -6.42 21.30 -27.79
CA GLU A 146 -7.73 21.51 -28.40
C GLU A 146 -8.66 20.32 -28.14
N LYS A 147 -8.08 19.14 -27.93
CA LYS A 147 -8.84 17.90 -27.76
C LYS A 147 -9.38 17.74 -26.34
N THR A 148 -10.33 16.82 -26.18
CA THR A 148 -10.87 16.43 -24.88
C THR A 148 -10.84 14.91 -24.73
N GLY A 149 -10.76 14.42 -23.50
CA GLY A 149 -10.80 12.99 -23.22
C GLY A 149 -10.07 12.58 -21.96
N THR A 150 -10.05 11.26 -21.73
CA THR A 150 -9.37 10.67 -20.58
C THR A 150 -8.57 9.46 -21.05
N MET A 151 -7.36 9.33 -20.51
CA MET A 151 -6.49 8.19 -20.74
C MET A 151 -6.02 7.64 -19.41
N VAL A 152 -6.22 6.34 -19.20
CA VAL A 152 -5.70 5.62 -18.04
C VAL A 152 -4.83 4.48 -18.55
N ARG A 153 -3.55 4.50 -18.20
CA ARG A 153 -2.63 3.39 -18.47
C ARG A 153 -2.23 2.79 -17.13
N PHE A 154 -2.39 1.48 -16.97
CA PHE A 154 -2.08 0.82 -15.70
C PHE A 154 -1.19 -0.41 -15.88
N TRP A 155 -0.32 -0.61 -14.88
CA TRP A 155 0.59 -1.74 -14.83
C TRP A 155 0.08 -2.60 -13.68
N PRO A 156 -0.51 -3.79 -13.98
CA PRO A 156 -1.01 -4.64 -12.90
C PRO A 156 0.07 -5.04 -11.92
N SER A 157 -0.25 -5.02 -10.63
CA SER A 157 0.70 -5.38 -9.59
C SER A 157 0.98 -6.89 -9.62
N LEU A 158 2.23 -7.25 -9.90
CA LEU A 158 2.64 -8.67 -9.90
C LEU A 158 2.73 -9.28 -8.50
N GLU A 159 2.64 -8.43 -7.46
CA GLU A 159 2.43 -8.91 -6.08
C GLU A 159 1.04 -9.49 -5.87
N THR A 160 0.04 -8.92 -6.56
CA THR A 160 -1.35 -9.41 -6.49
C THR A 160 -1.60 -10.50 -7.53
N PHE A 161 -1.32 -10.19 -8.79
CA PHE A 161 -1.64 -11.08 -9.90
C PHE A 161 -0.53 -12.09 -10.19
N THR A 162 -0.82 -13.37 -9.94
CA THR A 162 0.15 -14.46 -10.06
C THR A 162 -0.23 -15.43 -11.18
N ASN A 163 0.71 -16.30 -11.53
CA ASN A 163 0.53 -17.34 -12.57
C ASN A 163 0.20 -16.76 -13.96
N VAL A 164 -1.05 -16.34 -14.17
CA VAL A 164 -1.44 -15.64 -15.40
C VAL A 164 -1.20 -14.15 -15.19
N THR A 165 -0.04 -13.67 -15.66
CA THR A 165 0.36 -12.28 -15.51
C THR A 165 0.29 -11.45 -16.80
N GLU A 166 0.24 -12.12 -17.95
CA GLU A 166 0.23 -11.45 -19.26
C GLU A 166 -1.16 -11.44 -19.88
N PHE A 167 -1.49 -10.33 -20.55
CA PHE A 167 -2.83 -10.15 -21.14
C PHE A 167 -3.00 -10.96 -22.43
N GLU A 168 -3.95 -11.89 -22.43
CA GLU A 168 -4.38 -12.58 -23.65
C GLU A 168 -5.29 -11.69 -24.50
N TYR A 169 -4.92 -11.53 -25.76
CA TYR A 169 -5.63 -10.65 -26.71
C TYR A 169 -7.09 -11.04 -26.91
N GLU A 170 -7.34 -12.34 -27.09
CA GLU A 170 -8.69 -12.83 -27.42
C GLU A 170 -9.70 -12.71 -26.26
N ILE A 171 -9.22 -12.74 -25.02
CA ILE A 171 -10.09 -12.51 -23.86
C ILE A 171 -10.62 -11.07 -23.89
N LEU A 172 -9.75 -10.11 -24.20
CA LEU A 172 -10.16 -8.71 -24.35
C LEU A 172 -11.06 -8.51 -25.57
N ALA A 173 -10.65 -9.07 -26.71
CA ALA A 173 -11.41 -8.95 -27.97
C ALA A 173 -12.85 -9.46 -27.85
N LYS A 174 -13.04 -10.59 -27.16
CA LYS A 174 -14.36 -11.18 -26.94
C LYS A 174 -15.31 -10.23 -26.19
N ARG A 175 -14.84 -9.70 -25.07
CA ARG A 175 -15.64 -8.79 -24.24
C ARG A 175 -15.93 -7.46 -24.93
N LEU A 176 -14.92 -6.88 -25.58
CA LEU A 176 -15.08 -5.60 -26.28
C LEU A 176 -16.05 -5.72 -27.47
N ARG A 177 -16.05 -6.87 -28.13
CA ARG A 177 -17.04 -7.17 -29.17
C ARG A 177 -18.46 -7.16 -28.59
N GLU A 178 -18.66 -7.86 -27.47
CA GLU A 178 -19.97 -7.90 -26.79
C GLU A 178 -20.43 -6.49 -26.42
N LEU A 179 -19.50 -5.67 -25.91
CA LEU A 179 -19.78 -4.28 -25.55
C LEU A 179 -20.16 -3.39 -26.73
N SER A 180 -19.51 -3.60 -27.88
CA SER A 180 -19.80 -2.79 -29.10
C SER A 180 -21.26 -2.91 -29.55
N PHE A 181 -21.81 -4.13 -29.49
CA PHE A 181 -23.23 -4.36 -29.81
C PHE A 181 -24.16 -3.64 -28.82
N LEU A 182 -23.85 -3.75 -27.53
CA LEU A 182 -24.65 -3.12 -26.48
C LEU A 182 -24.57 -1.59 -26.52
N ASN A 183 -23.37 -1.07 -26.81
CA ASN A 183 -23.13 0.37 -26.90
C ASN A 183 -22.92 0.75 -28.37
N SER A 184 -24.05 0.78 -29.09
CA SER A 184 -24.08 0.86 -30.56
C SER A 184 -23.39 2.07 -31.17
N GLY A 185 -23.50 3.22 -30.51
CA GLY A 185 -22.87 4.45 -31.00
C GLY A 185 -21.37 4.53 -30.84
N VAL A 186 -20.78 3.70 -29.97
CA VAL A 186 -19.38 3.81 -29.56
C VAL A 186 -18.46 2.93 -30.41
N SER A 187 -17.45 3.54 -31.01
CA SER A 187 -16.38 2.81 -31.71
C SER A 187 -15.39 2.27 -30.67
N ILE A 188 -14.98 1.01 -30.82
CA ILE A 188 -13.99 0.39 -29.93
C ILE A 188 -12.85 -0.21 -30.75
N ARG A 189 -11.64 0.32 -30.55
CA ARG A 189 -10.43 -0.22 -31.17
C ARG A 189 -9.60 -0.98 -30.15
N LEU A 190 -9.08 -2.14 -30.55
CA LEU A 190 -8.17 -2.94 -29.74
C LEU A 190 -6.85 -3.07 -30.51
N ARG A 191 -5.73 -2.80 -29.83
CA ARG A 191 -4.39 -2.83 -30.43
C ARG A 191 -3.42 -3.60 -29.56
N ASP A 192 -2.67 -4.52 -30.16
CA ASP A 192 -1.62 -5.26 -29.47
C ASP A 192 -0.27 -4.82 -30.02
N LYS A 193 0.53 -4.16 -29.18
CA LYS A 193 1.86 -3.69 -29.58
C LYS A 193 2.94 -4.77 -29.48
N ARG A 194 2.63 -5.93 -28.89
CA ARG A 194 3.57 -7.05 -28.79
C ARG A 194 3.76 -7.75 -30.14
N ASP A 195 2.64 -8.05 -30.81
CA ASP A 195 2.65 -8.74 -32.11
C ASP A 195 1.96 -7.98 -33.27
N GLY A 196 1.56 -6.74 -33.03
CA GLY A 196 0.93 -5.91 -34.07
C GLY A 196 -0.52 -6.22 -34.42
N LYS A 197 -1.18 -7.10 -33.67
CA LYS A 197 -2.56 -7.48 -33.95
C LYS A 197 -3.52 -6.35 -33.58
N GLU A 198 -4.60 -6.21 -34.34
CA GLU A 198 -5.60 -5.17 -34.07
C GLU A 198 -7.01 -5.53 -34.55
N ASP A 199 -8.00 -4.87 -33.94
CA ASP A 199 -9.40 -5.02 -34.30
C ASP A 199 -10.13 -3.69 -34.11
N HIS A 200 -11.28 -3.57 -34.78
CA HIS A 200 -12.12 -2.39 -34.70
C HIS A 200 -13.60 -2.83 -34.63
N PHE A 201 -14.17 -2.73 -33.43
CA PHE A 201 -15.55 -3.13 -33.17
C PHE A 201 -16.45 -1.90 -33.22
N HIS A 202 -17.40 -1.90 -34.16
CA HIS A 202 -18.37 -0.80 -34.28
C HIS A 202 -19.66 -1.31 -34.94
N TYR A 203 -20.79 -1.08 -34.26
CA TYR A 203 -22.10 -1.56 -34.71
C TYR A 203 -22.89 -0.42 -35.37
N LEU B 1 -4.49 4.19 6.40
CA LEU B 1 -3.03 4.42 6.20
C LEU B 1 -2.64 5.22 4.95
N ASP B 2 -3.57 5.40 4.00
CA ASP B 2 -3.27 6.13 2.74
C ASP B 2 -2.76 7.56 2.95
N ALA B 3 -3.23 8.23 4.00
CA ALA B 3 -2.72 9.56 4.39
C ALA B 3 -1.22 9.55 4.69
N VAL B 4 -0.75 8.50 5.36
CA VAL B 4 0.67 8.33 5.68
C VAL B 4 1.48 8.01 4.43
N ARG B 5 0.94 7.13 3.57
CA ARG B 5 1.60 6.75 2.31
C ARG B 5 1.72 7.93 1.35
N LYS B 6 0.73 8.82 1.37
CA LYS B 6 0.71 10.00 0.49
C LYS B 6 1.81 11.02 0.83
N ARG B 7 2.06 11.22 2.12
CA ARG B 7 3.11 12.13 2.59
C ARG B 7 3.86 11.52 3.78
N PRO B 8 4.78 10.56 3.52
CA PRO B 8 5.53 9.88 4.59
C PRO B 8 6.33 10.83 5.49
N GLY B 9 6.95 11.85 4.88
CA GLY B 9 7.75 12.84 5.60
C GLY B 9 7.04 13.59 6.72
N MET B 10 5.73 13.80 6.56
CA MET B 10 4.92 14.45 7.59
C MET B 10 4.84 13.64 8.89
N TYR B 11 4.84 12.30 8.78
CA TYR B 11 4.61 11.41 9.91
C TYR B 11 5.90 10.86 10.54
N ILE B 12 6.84 10.40 9.71
CA ILE B 12 8.07 9.77 10.20
C ILE B 12 9.29 10.71 10.27
N GLY B 13 9.29 11.77 9.46
CA GLY B 13 10.41 12.70 9.37
C GLY B 13 11.14 12.55 8.04
N ASP B 14 12.35 13.09 7.96
CA ASP B 14 13.12 13.10 6.70
C ASP B 14 13.47 11.66 6.28
N THR B 15 12.95 11.25 5.13
CA THR B 15 13.13 9.89 4.62
C THR B 15 14.43 9.68 3.81
N ASP B 16 15.22 10.75 3.64
CA ASP B 16 16.46 10.69 2.85
C ASP B 16 17.71 10.58 3.74
N ASP B 17 17.85 11.48 4.71
CA ASP B 17 19.09 11.59 5.51
C ASP B 17 19.31 10.52 6.60
N GLY B 18 18.33 9.64 6.83
CA GLY B 18 18.46 8.56 7.81
C GLY B 18 17.83 8.84 9.17
N THR B 19 17.36 10.06 9.40
CA THR B 19 16.70 10.41 10.67
C THR B 19 15.34 9.72 10.76
N GLY B 20 14.55 9.85 9.70
CA GLY B 20 13.27 9.13 9.59
C GLY B 20 13.41 7.62 9.71
N LEU B 21 14.46 7.05 9.10
CA LEU B 21 14.73 5.61 9.18
C LEU B 21 14.88 5.14 10.63
N HIS B 22 15.65 5.88 11.42
CA HIS B 22 15.86 5.54 12.83
C HIS B 22 14.65 5.85 13.71
N HIS B 23 13.86 6.85 13.33
CA HIS B 23 12.58 7.13 14.02
C HIS B 23 11.62 5.93 13.95
N MET B 24 11.72 5.12 12.90
CA MET B 24 10.96 3.88 12.78
C MET B 24 11.23 2.94 13.96
N VAL B 25 12.51 2.77 14.30
CA VAL B 25 12.91 1.92 15.43
C VAL B 25 12.42 2.53 16.75
N PHE B 26 12.66 3.83 16.92
CA PHE B 26 12.34 4.52 18.17
C PHE B 26 10.83 4.59 18.43
N GLU B 27 10.03 4.62 17.37
CA GLU B 27 8.57 4.56 17.51
C GLU B 27 8.12 3.21 18.05
N VAL B 28 8.69 2.13 17.54
CA VAL B 28 8.37 0.77 18.01
C VAL B 28 8.89 0.61 19.45
N VAL B 29 10.09 1.10 19.71
CA VAL B 29 10.69 1.05 21.06
C VAL B 29 9.83 1.78 22.10
N ASP B 30 9.32 2.96 21.74
CA ASP B 30 8.44 3.72 22.65
C ASP B 30 7.21 2.92 23.08
N ASN B 31 6.57 2.22 22.14
CA ASN B 31 5.43 1.36 22.46
C ASN B 31 5.83 0.16 23.32
N ALA B 32 6.96 -0.47 23.00
CA ALA B 32 7.47 -1.61 23.78
C ALA B 32 7.87 -1.21 25.20
N ILE B 33 8.48 -0.04 25.35
CA ILE B 33 8.83 0.52 26.66
C ILE B 33 7.59 0.88 27.48
N ASP B 34 6.61 1.51 26.84
CA ASP B 34 5.30 1.82 27.45
C ASP B 34 4.70 0.57 28.11
N GLU B 35 4.73 -0.54 27.37
CA GLU B 35 4.28 -1.84 27.87
C GLU B 35 5.18 -2.37 28.99
N ALA B 36 6.49 -2.35 28.75
CA ALA B 36 7.48 -2.91 29.69
C ALA B 36 7.50 -2.19 31.04
N LEU B 37 7.36 -0.86 31.03
CA LEU B 37 7.34 -0.06 32.26
C LEU B 37 6.07 -0.36 33.09
N ALA B 38 4.97 -0.67 32.41
CA ALA B 38 3.70 -1.04 33.07
C ALA B 38 3.74 -2.38 33.81
N GLY B 39 4.64 -3.29 33.40
CA GLY B 39 4.83 -4.58 34.07
C GLY B 39 5.88 -4.52 35.17
N HIS B 40 6.20 -5.68 35.75
CA HIS B 40 7.13 -5.76 36.88
C HIS B 40 8.60 -5.56 36.44
N CYS B 41 9.36 -6.65 36.22
CA CYS B 41 10.76 -6.56 35.86
C CYS B 41 10.89 -7.05 34.43
N LYS B 42 10.36 -6.24 33.52
CA LYS B 42 10.28 -6.58 32.10
C LYS B 42 11.57 -6.27 31.37
N GLU B 43 11.66 -6.78 30.14
CA GLU B 43 12.84 -6.62 29.30
C GLU B 43 12.41 -6.36 27.86
N ILE B 44 13.11 -5.45 27.19
CA ILE B 44 12.99 -5.31 25.75
C ILE B 44 14.32 -5.69 25.09
N ILE B 45 14.23 -6.30 23.91
CA ILE B 45 15.40 -6.69 23.13
C ILE B 45 15.25 -6.10 21.74
N VAL B 46 16.19 -5.23 21.37
CA VAL B 46 16.24 -4.62 20.04
C VAL B 46 17.37 -5.30 19.28
N THR B 47 17.06 -5.90 18.14
CA THR B 47 18.04 -6.64 17.34
C THR B 47 18.10 -6.10 15.92
N ILE B 48 19.31 -5.72 15.48
CA ILE B 48 19.55 -5.36 14.09
C ILE B 48 19.97 -6.64 13.38
N HIS B 49 19.15 -7.08 12.42
CA HIS B 49 19.39 -8.33 11.70
C HIS B 49 20.30 -8.09 10.48
N ALA B 50 20.89 -9.18 9.98
CA ALA B 50 21.83 -9.12 8.86
C ALA B 50 21.22 -8.69 7.52
N ASP B 51 19.89 -8.82 7.41
CA ASP B 51 19.14 -8.33 6.24
C ASP B 51 18.63 -6.88 6.39
N ASN B 52 19.20 -6.13 7.32
CA ASN B 52 18.78 -4.76 7.67
C ASN B 52 17.28 -4.59 7.99
N SER B 53 16.73 -5.59 8.67
CA SER B 53 15.48 -5.46 9.41
C SER B 53 15.84 -5.27 10.87
N VAL B 54 14.89 -4.74 11.65
CA VAL B 54 15.06 -4.59 13.09
C VAL B 54 13.85 -5.21 13.78
N SER B 55 14.12 -6.05 14.79
CA SER B 55 13.07 -6.61 15.63
C SER B 55 13.12 -5.98 17.01
N VAL B 56 11.95 -5.76 17.59
CA VAL B 56 11.81 -5.28 18.96
C VAL B 56 10.90 -6.26 19.69
N GLN B 57 11.45 -6.91 20.72
CA GLN B 57 10.70 -7.87 21.56
C GLN B 57 10.49 -7.24 22.91
N ASP B 58 9.35 -7.53 23.53
CA ASP B 58 9.17 -7.33 24.97
C ASP B 58 8.50 -8.56 25.56
N ASP B 59 8.64 -8.74 26.87
CA ASP B 59 7.99 -9.84 27.59
C ASP B 59 6.79 -9.34 28.41
N GLY B 60 6.09 -8.33 27.91
CA GLY B 60 4.92 -7.79 28.56
C GLY B 60 3.68 -8.64 28.37
N ARG B 61 2.52 -8.02 28.50
CA ARG B 61 1.24 -8.73 28.46
C ARG B 61 0.83 -9.19 27.06
N GLY B 62 1.40 -8.58 26.02
CA GLY B 62 1.02 -8.85 24.64
C GLY B 62 -0.04 -7.87 24.19
N ILE B 63 0.03 -7.46 22.92
CA ILE B 63 -1.00 -6.59 22.34
C ILE B 63 -2.33 -7.37 22.38
N PRO B 64 -3.45 -6.72 22.74
CA PRO B 64 -4.74 -7.43 22.71
C PRO B 64 -5.04 -8.08 21.36
N THR B 65 -5.57 -9.29 21.38
CA THR B 65 -5.79 -10.10 20.18
C THR B 65 -7.27 -10.32 19.81
N GLY B 66 -8.19 -10.07 20.72
CA GLY B 66 -9.62 -10.26 20.47
C GLY B 66 -10.17 -9.35 19.38
N ILE B 67 -11.26 -9.77 18.76
CA ILE B 67 -11.84 -9.05 17.62
C ILE B 67 -12.48 -7.76 18.13
N HIS B 68 -12.16 -6.64 17.47
CA HIS B 68 -12.73 -5.34 17.78
C HIS B 68 -14.18 -5.34 17.27
N PRO B 69 -15.17 -5.14 18.17
CA PRO B 69 -16.59 -5.22 17.78
C PRO B 69 -17.00 -4.37 16.56
N GLU B 70 -16.52 -3.13 16.51
CA GLU B 70 -16.81 -2.22 15.40
C GLU B 70 -16.06 -2.57 14.12
N GLU B 71 -14.73 -2.71 14.23
CA GLU B 71 -13.85 -2.89 13.06
C GLU B 71 -13.94 -4.30 12.47
N GLY B 72 -14.28 -5.28 13.29
CA GLY B 72 -14.43 -6.67 12.84
C GLY B 72 -13.13 -7.40 12.55
N VAL B 73 -12.03 -6.89 13.08
CA VAL B 73 -10.72 -7.55 12.98
C VAL B 73 -10.07 -7.53 14.36
N SER B 74 -8.99 -8.30 14.53
CA SER B 74 -8.28 -8.34 15.81
C SER B 74 -7.86 -6.95 16.28
N ALA B 75 -7.91 -6.71 17.59
CA ALA B 75 -7.46 -5.45 18.18
C ALA B 75 -6.03 -5.11 17.76
N ALA B 76 -5.18 -6.13 17.64
CA ALA B 76 -3.81 -5.97 17.13
C ALA B 76 -3.79 -5.38 15.72
N GLU B 77 -4.63 -5.89 14.83
CA GLU B 77 -4.71 -5.35 13.45
C GLU B 77 -5.21 -3.92 13.41
N VAL B 78 -6.16 -3.57 14.28
CA VAL B 78 -6.65 -2.20 14.39
C VAL B 78 -5.50 -1.26 14.77
N ILE B 79 -4.72 -1.66 15.77
CA ILE B 79 -3.53 -0.90 16.20
C ILE B 79 -2.51 -0.76 15.06
N MET B 80 -2.32 -1.82 14.28
CA MET B 80 -1.37 -1.81 13.16
C MET B 80 -1.84 -1.07 11.90
N THR B 81 -3.15 -0.91 11.72
CA THR B 81 -3.71 -0.35 10.47
C THR B 81 -4.55 0.95 10.59
N VAL B 82 -4.76 1.45 11.80
CA VAL B 82 -5.52 2.68 12.04
C VAL B 82 -4.59 3.77 12.60
N LEU B 83 -4.75 4.98 12.08
CA LEU B 83 -3.82 6.09 12.35
C LEU B 83 -4.07 6.73 13.72
N GLY B 102 3.49 10.45 20.49
CA GLY B 102 3.99 9.48 19.53
C GLY B 102 3.14 9.40 18.27
N VAL B 103 3.75 8.92 17.18
CA VAL B 103 3.10 8.83 15.87
C VAL B 103 2.30 7.54 15.65
N GLY B 104 2.53 6.53 16.50
CA GLY B 104 1.87 5.23 16.38
C GLY B 104 2.68 4.21 15.58
N VAL B 105 2.57 2.94 15.98
CA VAL B 105 3.20 1.82 15.26
C VAL B 105 2.59 1.60 13.86
N SER B 106 1.35 2.05 13.65
CA SER B 106 0.71 2.01 12.33
C SER B 106 1.49 2.75 11.24
N VAL B 107 2.18 3.83 11.61
CA VAL B 107 3.04 4.58 10.69
C VAL B 107 4.24 3.73 10.26
N VAL B 108 4.82 3.02 11.23
CA VAL B 108 5.96 2.12 10.97
C VAL B 108 5.52 0.99 10.02
N ASN B 109 4.34 0.44 10.28
CA ASN B 109 3.75 -0.61 9.45
C ASN B 109 3.53 -0.13 8.01
N ALA B 110 2.93 1.05 7.87
CA ALA B 110 2.65 1.65 6.55
C ALA B 110 3.90 1.85 5.69
N LEU B 111 5.00 2.26 6.34
CA LEU B 111 6.26 2.53 5.64
C LEU B 111 7.28 1.37 5.68
N SER B 112 6.81 0.17 6.02
CA SER B 112 7.63 -1.03 5.99
C SER B 112 7.16 -1.96 4.88
N GLN B 113 8.08 -2.36 4.00
CA GLN B 113 7.75 -3.32 2.94
C GLN B 113 7.35 -4.70 3.47
N LYS B 114 7.84 -5.05 4.66
CA LYS B 114 7.37 -6.22 5.40
C LYS B 114 7.37 -5.92 6.90
N LEU B 115 6.37 -6.46 7.60
CA LEU B 115 6.33 -6.40 9.07
C LEU B 115 5.77 -7.71 9.62
N GLU B 116 6.50 -8.31 10.54
CA GLU B 116 6.12 -9.56 11.20
C GLU B 116 5.69 -9.24 12.63
N LEU B 117 4.49 -9.68 13.00
CA LEU B 117 3.93 -9.48 14.33
C LEU B 117 3.76 -10.84 15.00
N VAL B 118 4.32 -10.98 16.21
CA VAL B 118 4.16 -12.21 17.00
C VAL B 118 3.77 -11.81 18.43
N ILE B 119 2.56 -12.21 18.83
CA ILE B 119 2.00 -11.88 20.16
C ILE B 119 1.82 -13.17 20.94
N GLN B 120 2.43 -13.23 22.13
CA GLN B 120 2.26 -14.34 23.05
C GLN B 120 1.38 -13.86 24.20
N ARG B 121 0.23 -14.51 24.38
CA ARG B 121 -0.82 -14.02 25.27
C ARG B 121 -1.85 -15.12 25.53
N GLU B 122 -2.31 -15.23 26.78
CA GLU B 122 -3.31 -16.23 27.20
C GLU B 122 -2.95 -17.68 26.79
N GLY B 123 -1.67 -18.00 26.90
CA GLY B 123 -1.16 -19.33 26.55
C GLY B 123 -1.13 -19.66 25.05
N LYS B 124 -1.21 -18.64 24.19
CA LYS B 124 -1.32 -18.83 22.74
C LYS B 124 -0.35 -17.92 21.99
N ILE B 125 0.27 -18.46 20.95
CA ILE B 125 1.13 -17.71 20.03
C ILE B 125 0.25 -17.22 18.87
N HIS B 126 0.27 -15.91 18.63
CA HIS B 126 -0.47 -15.30 17.52
C HIS B 126 0.53 -14.73 16.52
N ARG B 127 0.31 -15.01 15.23
CA ARG B 127 1.21 -14.55 14.17
C ARG B 127 0.45 -13.82 13.06
N GLN B 128 1.08 -12.77 12.54
CA GLN B 128 0.52 -12.03 11.39
C GLN B 128 1.64 -11.33 10.62
N ILE B 129 1.49 -11.31 9.29
CA ILE B 129 2.46 -10.69 8.39
C ILE B 129 1.76 -9.55 7.65
N TYR B 130 2.46 -8.42 7.54
CA TYR B 130 2.01 -7.27 6.76
C TYR B 130 3.04 -6.97 5.68
N GLU B 131 2.57 -6.38 4.57
CA GLU B 131 3.45 -5.82 3.55
C GLU B 131 2.91 -4.45 3.13
N HIS B 132 3.73 -3.40 3.35
CA HIS B 132 3.33 -2.01 3.11
C HIS B 132 2.02 -1.63 3.84
N GLY B 133 1.87 -2.14 5.07
CA GLY B 133 0.68 -1.90 5.89
C GLY B 133 -0.52 -2.79 5.65
N VAL B 134 -0.45 -3.65 4.63
CA VAL B 134 -1.57 -4.52 4.25
C VAL B 134 -1.37 -5.90 4.90
N PRO B 135 -2.35 -6.34 5.73
CA PRO B 135 -2.22 -7.69 6.30
C PRO B 135 -2.37 -8.77 5.23
N GLN B 136 -1.48 -9.76 5.26
CA GLN B 136 -1.50 -10.86 4.29
C GLN B 136 -2.53 -11.93 4.66
N ALA B 137 -2.84 -12.03 5.95
CA ALA B 137 -3.95 -12.85 6.45
C ALA B 137 -4.40 -12.30 7.81
N PRO B 138 -5.56 -12.74 8.30
CA PRO B 138 -5.95 -12.36 9.67
C PRO B 138 -5.00 -12.90 10.73
N LEU B 139 -4.91 -12.19 11.86
CA LEU B 139 -4.14 -12.66 13.02
C LEU B 139 -4.57 -14.08 13.37
N ALA B 140 -3.60 -15.00 13.40
CA ALA B 140 -3.88 -16.43 13.55
C ALA B 140 -3.17 -17.01 14.77
N VAL B 141 -3.88 -17.81 15.55
CA VAL B 141 -3.27 -18.59 16.63
C VAL B 141 -2.58 -19.79 16.01
N THR B 142 -1.24 -19.81 16.11
CA THR B 142 -0.41 -20.84 15.47
C THR B 142 0.13 -21.89 16.45
N GLY B 143 0.08 -21.63 17.74
CA GLY B 143 0.62 -22.56 18.72
C GLY B 143 0.38 -22.18 20.16
N GLU B 144 1.18 -22.78 21.04
CA GLU B 144 1.04 -22.62 22.49
C GLU B 144 2.33 -22.09 23.10
N THR B 145 2.21 -21.47 24.26
CA THR B 145 3.35 -20.87 24.95
C THR B 145 3.04 -20.65 26.43
N GLU B 146 4.08 -20.72 27.26
CA GLU B 146 4.00 -20.31 28.67
C GLU B 146 4.33 -18.82 28.86
N LYS B 147 5.06 -18.24 27.90
CA LYS B 147 5.51 -16.85 27.97
C LYS B 147 4.45 -15.88 27.47
N THR B 148 4.66 -14.60 27.77
CA THR B 148 3.85 -13.51 27.24
C THR B 148 4.75 -12.45 26.61
N GLY B 149 4.21 -11.69 25.66
CA GLY B 149 4.95 -10.60 25.03
C GLY B 149 4.53 -10.26 23.62
N THR B 150 5.22 -9.26 23.06
CA THR B 150 4.98 -8.79 21.70
C THR B 150 6.32 -8.65 20.99
N MET B 151 6.40 -9.19 19.78
CA MET B 151 7.55 -9.03 18.91
C MET B 151 7.07 -8.38 17.61
N VAL B 152 7.72 -7.28 17.24
CA VAL B 152 7.51 -6.62 15.95
C VAL B 152 8.86 -6.60 15.24
N ARG B 153 8.91 -7.20 14.06
CA ARG B 153 10.09 -7.12 13.18
C ARG B 153 9.67 -6.48 11.89
N PHE B 154 10.39 -5.43 11.46
CA PHE B 154 10.03 -4.69 10.26
C PHE B 154 11.21 -4.48 9.32
N TRP B 155 10.91 -4.50 8.03
CA TRP B 155 11.84 -4.25 6.94
C TRP B 155 11.43 -2.90 6.37
N PRO B 156 12.25 -1.85 6.58
CA PRO B 156 11.91 -0.52 6.04
C PRO B 156 11.70 -0.54 4.53
N SER B 157 10.68 0.17 4.04
CA SER B 157 10.40 0.21 2.61
C SER B 157 11.49 1.00 1.89
N LEU B 158 12.17 0.33 0.96
CA LEU B 158 13.19 0.98 0.12
C LEU B 158 12.58 1.89 -0.96
N GLU B 159 11.26 1.80 -1.16
CA GLU B 159 10.52 2.78 -1.98
C GLU B 159 10.35 4.12 -1.28
N THR B 160 10.27 4.11 0.06
CA THR B 160 10.14 5.32 0.88
C THR B 160 11.50 5.81 1.35
N PHE B 161 12.26 4.93 1.99
CA PHE B 161 13.54 5.29 2.58
C PHE B 161 14.68 5.15 1.58
N THR B 162 15.17 6.31 1.12
CA THR B 162 16.22 6.39 0.11
C THR B 162 17.50 6.94 0.72
N ASN B 163 18.59 6.85 -0.05
CA ASN B 163 19.91 7.40 0.31
C ASN B 163 20.54 6.69 1.53
N VAL B 164 20.02 6.93 2.73
CA VAL B 164 20.45 6.22 3.94
C VAL B 164 19.42 5.12 4.25
N THR B 165 19.82 3.87 4.04
CA THR B 165 18.93 2.71 4.20
C THR B 165 19.42 1.62 5.16
N GLU B 166 20.53 1.87 5.87
CA GLU B 166 21.11 0.91 6.81
C GLU B 166 21.15 1.49 8.22
N PHE B 167 20.90 0.65 9.22
CA PHE B 167 20.82 1.09 10.60
C PHE B 167 22.22 1.23 11.23
N GLU B 168 22.54 2.44 11.67
CA GLU B 168 23.76 2.72 12.43
C GLU B 168 23.56 2.32 13.90
N TYR B 169 24.40 1.38 14.36
CA TYR B 169 24.34 0.85 15.74
C TYR B 169 24.40 1.94 16.81
N GLU B 170 25.30 2.90 16.63
CA GLU B 170 25.52 3.96 17.64
C GLU B 170 24.33 4.91 17.82
N ILE B 171 23.55 5.15 16.77
CA ILE B 171 22.34 5.97 16.89
C ILE B 171 21.32 5.26 17.79
N LEU B 172 21.16 3.95 17.61
CA LEU B 172 20.26 3.15 18.46
C LEU B 172 20.81 2.99 19.88
N ALA B 173 22.10 2.67 19.99
CA ALA B 173 22.76 2.46 21.29
C ALA B 173 22.69 3.69 22.19
N LYS B 174 22.99 4.86 21.63
CA LYS B 174 22.93 6.12 22.36
C LYS B 174 21.52 6.44 22.87
N ARG B 175 20.52 6.29 22.00
CA ARG B 175 19.12 6.57 22.37
C ARG B 175 18.59 5.63 23.45
N LEU B 176 18.91 4.33 23.33
CA LEU B 176 18.47 3.33 24.32
C LEU B 176 19.11 3.55 25.69
N ARG B 177 20.37 4.00 25.71
CA ARG B 177 21.06 4.35 26.97
C ARG B 177 20.37 5.53 27.66
N GLU B 178 20.02 6.56 26.88
CA GLU B 178 19.30 7.73 27.41
C GLU B 178 17.92 7.32 27.95
N LEU B 179 17.22 6.48 27.20
CA LEU B 179 15.91 5.95 27.61
C LEU B 179 15.94 5.13 28.90
N SER B 180 17.02 4.35 29.11
CA SER B 180 17.14 3.49 30.28
C SER B 180 16.98 4.26 31.61
N PHE B 181 17.55 5.46 31.68
CA PHE B 181 17.48 6.28 32.90
C PHE B 181 16.09 6.87 33.18
N LEU B 182 15.25 7.01 32.15
CA LEU B 182 13.85 7.43 32.32
C LEU B 182 12.87 6.27 32.56
N ASN B 183 13.36 5.03 32.44
CA ASN B 183 12.52 3.84 32.59
C ASN B 183 13.16 2.85 33.57
N SER B 184 12.92 3.11 34.86
CA SER B 184 13.53 2.33 35.93
C SER B 184 12.98 0.91 35.99
N GLY B 185 13.88 -0.05 36.19
CA GLY B 185 13.51 -1.46 36.27
C GLY B 185 13.30 -2.18 34.94
N VAL B 186 13.46 -1.47 33.83
CA VAL B 186 13.29 -2.04 32.50
C VAL B 186 14.67 -2.42 31.96
N SER B 187 14.86 -3.71 31.66
CA SER B 187 16.08 -4.19 31.02
C SER B 187 15.97 -3.92 29.52
N ILE B 188 16.98 -3.26 28.95
CA ILE B 188 17.03 -2.95 27.52
C ILE B 188 18.28 -3.57 26.93
N ARG B 189 18.10 -4.52 26.01
CA ARG B 189 19.22 -5.17 25.32
C ARG B 189 19.25 -4.76 23.86
N LEU B 190 20.45 -4.46 23.37
CA LEU B 190 20.68 -4.14 21.96
C LEU B 190 21.62 -5.20 21.39
N ARG B 191 21.28 -5.74 20.21
CA ARG B 191 22.08 -6.77 19.55
C ARG B 191 22.26 -6.43 18.07
N ASP B 192 23.48 -6.57 17.58
CA ASP B 192 23.80 -6.39 16.17
C ASP B 192 24.28 -7.73 15.63
N LYS B 193 23.45 -8.37 14.80
CA LYS B 193 23.79 -9.67 14.21
C LYS B 193 24.74 -9.56 13.00
N ARG B 194 24.98 -8.34 12.51
CA ARG B 194 25.93 -8.11 11.40
C ARG B 194 27.37 -8.31 11.85
N ASP B 195 27.73 -7.72 13.00
CA ASP B 195 29.09 -7.84 13.57
C ASP B 195 29.16 -8.47 14.98
N GLY B 196 28.01 -8.86 15.54
CA GLY B 196 27.98 -9.51 16.87
C GLY B 196 28.04 -8.58 18.07
N LYS B 197 28.04 -7.27 17.85
CA LYS B 197 28.12 -6.30 18.94
C LYS B 197 26.82 -6.26 19.73
N GLU B 198 26.93 -6.13 21.05
CA GLU B 198 25.75 -6.10 21.92
C GLU B 198 25.96 -5.26 23.18
N ASP B 199 24.89 -4.63 23.64
CA ASP B 199 24.88 -3.80 24.85
C ASP B 199 23.68 -4.18 25.72
N HIS B 200 23.80 -3.89 27.02
CA HIS B 200 22.73 -4.12 27.98
C HIS B 200 22.61 -2.91 28.90
N PHE B 201 21.50 -2.19 28.76
CA PHE B 201 21.21 -1.00 29.56
C PHE B 201 20.11 -1.34 30.55
N HIS B 202 20.40 -1.21 31.84
CA HIS B 202 19.45 -1.57 32.90
C HIS B 202 19.68 -0.70 34.14
N TYR B 203 18.91 0.39 34.23
CA TYR B 203 18.95 1.33 35.35
C TYR B 203 17.87 0.95 36.35
N GLU B 204 18.26 0.77 37.61
CA GLU B 204 17.36 0.27 38.67
C GLU B 204 16.99 1.32 39.72
N GLY B 205 17.10 2.61 39.37
CA GLY B 205 16.93 3.70 40.33
C GLY B 205 15.49 3.99 40.72
N GLY B 206 15.32 4.63 41.88
CA GLY B 206 13.99 4.88 42.44
C GLY B 206 13.34 3.62 42.97
NAF AX7 C . 4.42 -0.71 -2.54
CAI AX7 C . 3.16 -0.53 -1.97
CAD AX7 C . 2.58 0.61 -1.40
CAB AX7 C . 1.29 0.52 -0.90
CAC AX7 C . 0.58 -0.67 -0.94
CAE AX7 C . 1.15 -1.82 -1.50
CAJ AX7 C . 2.43 -1.72 -2.01
NAG AX7 C . 3.26 -2.64 -2.63
CAH AX7 C . 4.43 -1.99 -2.92
NAA AX7 C . 5.45 -2.60 -3.52
C1 2CH D . -12.83 7.55 -18.34
C2 2CH D . -13.42 7.77 -17.09
C3 2CH D . -12.96 7.10 -15.96
C4 2CH D . -11.91 6.21 -16.06
C5 2CH D . -11.31 5.97 -17.28
C6 2CH D . -11.77 6.63 -18.41
O 2CH D . -13.45 7.96 -19.46
CL8 2CH D . -11.03 6.33 -19.94
P PO4 E . 4.98 2.41 -25.20
O1 PO4 E . 3.92 1.49 -25.74
O2 PO4 E . 4.34 3.71 -24.80
O3 PO4 E . 5.64 1.77 -23.99
O4 PO4 E . 6.02 2.67 -26.26
C1 2CH F . 4.38 -3.55 21.85
C2 2CH F . 5.51 -3.84 21.09
C3 2CH F . 5.66 -3.29 19.83
C4 2CH F . 4.71 -2.43 19.31
C5 2CH F . 3.58 -2.13 20.05
C6 2CH F . 3.43 -2.68 21.31
O 2CH F . 4.35 -3.83 23.18
CL8 2CH F . 2.01 -2.28 22.23
P PO4 G . 20.39 -15.37 11.27
O1 PO4 G . 19.46 -15.68 12.42
O2 PO4 G . 21.36 -16.52 11.13
O3 PO4 G . 21.15 -14.09 11.55
O4 PO4 G . 19.63 -15.21 9.97
P PO4 H . 3.40 -7.68 39.28
O1 PO4 H . 1.97 -8.10 39.56
O2 PO4 H . 4.20 -8.89 38.87
O3 PO4 H . 3.98 -7.05 40.53
O4 PO4 H . 3.46 -6.64 38.18
#